data_6EOY
#
_entry.id   6EOY
#
_cell.length_a   42.863
_cell.length_b   85.509
_cell.length_c   64.275
_cell.angle_alpha   90.000
_cell.angle_beta   90.000
_cell.angle_gamma   90.000
#
_symmetry.space_group_name_H-M   'P 21 21 2'
#
loop_
_entity.id
_entity.type
_entity.pdbx_description
1 polymer Transthyretin
2 non-polymer 4-(1,3-benzothiazol-2-yl)-2-methyl-aniline
3 water water
#
_entity_poly.entity_id   1
_entity_poly.type   'polypeptide(L)'
_entity_poly.pdbx_seq_one_letter_code
;CPLMVKVLDAVRGSPAINVAVHVFRKAADDTWEPFASGKTSESGELHGLTTEEEFVEGIYKVEIDTKSYWKALGISPFHE
HAEVVFTANDSGPRRYTIAALLSPYSYSTTAVVTN
;
_entity_poly.pdbx_strand_id   A,B
#
loop_
_chem_comp.id
_chem_comp.type
_chem_comp.name
_chem_comp.formula
BM8 non-polymer 4-(1,3-benzothiazol-2-yl)-2-methyl-aniline 'C14 H12 N2 S'
#
# COMPACT_ATOMS: atom_id res chain seq x y z
N CYS A 1 16.96 14.93 -4.73
CA CYS A 1 16.96 14.72 -6.18
C CYS A 1 16.50 13.33 -6.65
N PRO A 2 17.11 12.24 -6.17
CA PRO A 2 16.73 10.92 -6.72
C PRO A 2 15.42 10.36 -6.21
N LEU A 3 14.87 10.86 -5.10
CA LEU A 3 13.62 10.33 -4.55
C LEU A 3 12.77 11.49 -4.08
N MET A 4 11.57 11.61 -4.63
CA MET A 4 10.61 12.64 -4.25
C MET A 4 9.27 12.00 -4.01
N VAL A 5 8.49 12.58 -3.09
CA VAL A 5 7.16 12.10 -2.77
C VAL A 5 6.16 13.23 -2.97
N LYS A 6 5.04 12.94 -3.63
CA LYS A 6 4.00 13.93 -3.89
C LYS A 6 2.67 13.34 -3.44
N VAL A 7 1.91 14.11 -2.67
CA VAL A 7 0.66 13.61 -2.08
C VAL A 7 -0.46 14.58 -2.39
N LEU A 8 -1.58 14.05 -2.88
CA LEU A 8 -2.75 14.83 -3.28
C LEU A 8 -3.97 14.37 -2.50
N ASP A 9 -4.90 15.29 -2.31
CA ASP A 9 -6.12 15.07 -1.55
C ASP A 9 -7.29 15.09 -2.54
N ALA A 10 -7.97 13.94 -2.68
CA ALA A 10 -9.06 13.79 -3.62
C ALA A 10 -10.40 14.31 -3.08
N VAL A 11 -10.47 14.63 -1.79
CA VAL A 11 -11.68 15.22 -1.21
C VAL A 11 -11.71 16.72 -1.39
N ARG A 12 -10.57 17.37 -1.13
CA ARG A 12 -10.44 18.82 -1.24
C ARG A 12 -9.96 19.27 -2.60
N GLY A 13 -9.40 18.38 -3.41
CA GLY A 13 -8.85 18.78 -4.69
C GLY A 13 -7.64 19.67 -4.50
N SER A 14 -6.70 19.22 -3.69
CA SER A 14 -5.61 20.08 -3.26
C SER A 14 -4.39 19.22 -3.02
N PRO A 15 -3.22 19.82 -2.91
CA PRO A 15 -2.09 19.10 -2.32
C PRO A 15 -2.45 18.66 -0.91
N ALA A 16 -1.89 17.54 -0.49
CA ALA A 16 -2.01 17.10 0.89
C ALA A 16 -0.83 17.66 1.67
N ILE A 17 -1.10 18.65 2.50
CA ILE A 17 -0.08 19.46 3.15
C ILE A 17 0.20 18.92 4.54
N ASN A 18 1.47 18.90 4.93
CA ASN A 18 1.90 18.52 6.28
C ASN A 18 1.62 17.05 6.59
N VAL A 19 1.70 16.19 5.58
CA VAL A 19 1.57 14.74 5.76
C VAL A 19 2.94 14.19 6.12
N ALA A 20 3.01 13.42 7.20
CA ALA A 20 4.27 12.79 7.57
C ALA A 20 4.56 11.63 6.64
N VAL A 21 5.81 11.52 6.22
CA VAL A 21 6.29 10.48 5.32
C VAL A 21 7.56 9.89 5.91
N HIS A 22 7.61 8.58 6.05
CA HIS A 22 8.78 7.88 6.56
C HIS A 22 9.27 6.90 5.52
N VAL A 23 10.57 6.95 5.22
CA VAL A 23 11.20 6.05 4.26
C VAL A 23 12.13 5.10 5.02
N PHE A 24 12.07 3.82 4.66
CA PHE A 24 12.87 2.78 5.27
C PHE A 24 13.59 2.00 4.18
N ARG A 25 14.71 1.40 4.54
CA ARG A 25 15.43 0.52 3.65
C ARG A 25 15.57 -0.85 4.31
N LYS A 26 15.35 -1.90 3.54
CA LYS A 26 15.42 -3.24 4.10
C LYS A 26 16.86 -3.62 4.40
N ALA A 27 17.09 -4.07 5.63
CA ALA A 27 18.42 -4.46 6.09
C ALA A 27 18.67 -5.93 5.76
N ALA A 28 19.92 -6.36 5.98
CA ALA A 28 20.30 -7.74 5.69
C ALA A 28 19.51 -8.74 6.51
N ASP A 29 19.12 -8.38 7.73
CA ASP A 29 18.34 -9.25 8.58
C ASP A 29 16.84 -9.18 8.31
N ASP A 30 16.43 -8.59 7.18
CA ASP A 30 15.03 -8.48 6.78
C ASP A 30 14.21 -7.60 7.74
N THR A 31 14.84 -6.59 8.31
CA THR A 31 14.15 -5.58 9.09
C THR A 31 14.18 -4.26 8.33
N TRP A 32 13.19 -3.42 8.59
CA TRP A 32 13.09 -2.08 7.98
C TRP A 32 13.89 -1.08 8.79
N GLU A 33 14.98 -0.56 8.22
CA GLU A 33 15.72 0.45 8.96
C GLU A 33 15.31 1.85 8.51
N PRO A 34 15.11 2.78 9.44
CA PRO A 34 14.81 4.16 9.04
C PRO A 34 15.88 4.71 8.11
N PHE A 35 15.43 5.41 7.08
CA PHE A 35 16.28 5.94 6.02
C PHE A 35 16.16 7.45 5.87
N ALA A 36 14.94 7.97 5.80
CA ALA A 36 14.70 9.40 5.65
C ALA A 36 13.24 9.66 6.01
N SER A 37 12.94 10.91 6.36
CA SER A 37 11.56 11.26 6.67
C SER A 37 11.36 12.77 6.56
N GLY A 38 10.10 13.16 6.53
CA GLY A 38 9.77 14.58 6.49
C GLY A 38 8.27 14.77 6.47
N LYS A 39 7.86 16.00 6.20
CA LYS A 39 6.45 16.32 6.08
C LYS A 39 6.25 17.02 4.75
N THR A 40 5.14 16.74 4.07
CA THR A 40 4.92 17.37 2.78
C THR A 40 4.74 18.89 2.94
N SER A 41 5.16 19.61 1.91
CA SER A 41 5.11 21.05 1.88
C SER A 41 3.71 21.53 1.50
N GLU A 42 3.57 22.85 1.35
CA GLU A 42 2.32 23.45 0.90
C GLU A 42 1.94 23.00 -0.51
N SER A 43 2.89 22.49 -1.28
CA SER A 43 2.62 21.95 -2.61
C SER A 43 2.37 20.45 -2.58
N GLY A 44 2.30 19.85 -1.38
CA GLY A 44 2.12 18.42 -1.27
C GLY A 44 3.36 17.61 -1.57
N GLU A 45 4.52 18.25 -1.64
CA GLU A 45 5.73 17.57 -2.07
C GLU A 45 6.74 17.47 -0.93
N LEU A 46 7.55 16.43 -0.98
CA LEU A 46 8.62 16.24 -0.02
C LEU A 46 9.88 15.99 -0.83
N HIS A 47 10.78 16.95 -0.79
CA HIS A 47 12.06 16.92 -1.50
C HIS A 47 13.18 16.77 -0.48
N GLY A 48 14.37 16.45 -1.00
CA GLY A 48 15.55 16.41 -0.17
C GLY A 48 15.62 15.25 0.79
N LEU A 49 14.91 14.16 0.49
CA LEU A 49 14.94 12.98 1.36
C LEU A 49 16.32 12.35 1.38
N THR A 50 16.99 12.26 0.23
CA THR A 50 18.25 11.53 0.16
C THR A 50 19.13 12.14 -0.92
N THR A 51 20.30 11.56 -1.11
CA THR A 51 21.22 11.99 -2.14
C THR A 51 21.51 10.80 -3.03
N GLU A 52 22.07 11.08 -4.22
CA GLU A 52 22.46 10.00 -5.11
C GLU A 52 23.45 9.05 -4.42
N GLU A 53 24.35 9.60 -3.62
CA GLU A 53 25.36 8.78 -2.96
C GLU A 53 24.72 7.77 -2.02
N GLU A 54 23.71 8.19 -1.25
CA GLU A 54 23.14 7.31 -0.25
C GLU A 54 22.04 6.39 -0.80
N PHE A 55 21.41 6.75 -1.93
CA PHE A 55 20.26 6.03 -2.46
C PHE A 55 20.74 4.89 -3.37
N VAL A 56 21.37 3.90 -2.73
CA VAL A 56 21.91 2.74 -3.46
C VAL A 56 20.79 1.74 -3.77
N GLU A 57 21.10 0.77 -4.62
CA GLU A 57 20.12 -0.27 -4.91
C GLU A 57 19.71 -0.97 -3.63
N GLY A 58 18.45 -1.36 -3.56
CA GLY A 58 17.91 -1.98 -2.36
C GLY A 58 16.39 -1.96 -2.44
N ILE A 59 15.78 -2.50 -1.40
CA ILE A 59 14.33 -2.48 -1.25
C ILE A 59 13.96 -1.37 -0.28
N TYR A 60 13.07 -0.48 -0.70
CA TYR A 60 12.68 0.68 0.09
C TYR A 60 11.19 0.63 0.36
N LYS A 61 10.80 1.20 1.49
CA LYS A 61 9.40 1.35 1.86
C LYS A 61 9.13 2.81 2.16
N VAL A 62 8.12 3.36 1.50
CA VAL A 62 7.67 4.72 1.78
C VAL A 62 6.34 4.62 2.49
N GLU A 63 6.29 5.07 3.73
CA GLU A 63 5.07 5.07 4.52
C GLU A 63 4.52 6.49 4.59
N ILE A 64 3.28 6.66 4.14
CA ILE A 64 2.60 7.95 4.14
C ILE A 64 1.54 7.91 5.23
N ASP A 65 1.64 8.82 6.19
CA ASP A 65 0.79 8.77 7.38
C ASP A 65 -0.59 9.40 7.11
N THR A 66 -1.41 8.62 6.38
CA THR A 66 -2.70 9.10 5.93
C THR A 66 -3.71 9.22 7.07
N LYS A 67 -3.65 8.32 8.05
CA LYS A 67 -4.66 8.36 9.09
C LYS A 67 -4.61 9.67 9.85
N SER A 68 -3.41 10.13 10.21
CA SER A 68 -3.29 11.39 10.94
C SER A 68 -3.73 12.57 10.08
N TYR A 69 -3.47 12.50 8.77
CA TYR A 69 -3.93 13.55 7.86
C TYR A 69 -5.44 13.69 7.90
N TRP A 70 -6.17 12.57 7.74
CA TRP A 70 -7.63 12.63 7.75
C TRP A 70 -8.18 13.02 9.11
N LYS A 71 -7.59 12.51 10.19
CA LYS A 71 -8.05 12.85 11.52
C LYS A 71 -7.93 14.35 11.77
N ALA A 72 -6.86 14.97 11.26
CA ALA A 72 -6.69 16.41 11.41
C ALA A 72 -7.74 17.20 10.63
N LEU A 73 -8.35 16.60 9.61
CA LEU A 73 -9.44 17.26 8.90
C LEU A 73 -10.81 16.85 9.42
N GLY A 74 -10.87 16.04 10.47
CA GLY A 74 -12.15 15.64 11.02
C GLY A 74 -12.86 14.57 10.23
N ILE A 75 -12.13 13.79 9.44
CA ILE A 75 -12.72 12.81 8.55
C ILE A 75 -12.23 11.43 8.97
N SER A 76 -13.17 10.51 9.18
CA SER A 76 -12.83 9.17 9.64
C SER A 76 -12.21 8.39 8.49
N PRO A 77 -10.99 7.89 8.63
CA PRO A 77 -10.38 7.17 7.51
C PRO A 77 -10.34 5.66 7.74
N PHE A 78 -10.04 4.94 6.67
CA PHE A 78 -9.95 3.49 6.73
C PHE A 78 -8.54 2.98 7.07
N HIS A 79 -7.53 3.49 6.37
CA HIS A 79 -6.19 2.92 6.45
C HIS A 79 -5.39 3.52 7.61
N GLU A 80 -4.48 2.72 8.16
CA GLU A 80 -3.52 3.26 9.11
C GLU A 80 -2.53 4.17 8.40
N HIS A 81 -2.09 3.77 7.22
CA HIS A 81 -1.17 4.55 6.42
C HIS A 81 -1.23 3.96 5.03
N ALA A 82 -0.51 4.58 4.10
CA ALA A 82 -0.30 4.01 2.78
C ALA A 82 1.16 3.63 2.68
N GLU A 83 1.45 2.40 2.28
CA GLU A 83 2.81 1.89 2.17
C GLU A 83 3.13 1.60 0.71
N VAL A 84 4.29 2.09 0.25
CA VAL A 84 4.76 1.85 -1.11
C VAL A 84 6.11 1.17 -1.00
N VAL A 85 6.20 -0.07 -1.46
CA VAL A 85 7.41 -0.88 -1.30
C VAL A 85 7.93 -1.24 -2.69
N PHE A 86 9.22 -0.97 -2.94
CA PHE A 86 9.77 -1.11 -4.27
C PHE A 86 11.27 -1.34 -4.20
N THR A 87 11.80 -1.97 -5.24
CA THR A 87 13.24 -2.09 -5.41
C THR A 87 13.78 -0.93 -6.24
N ALA A 88 14.87 -0.33 -5.78
CA ALA A 88 15.56 0.67 -6.59
C ALA A 88 16.63 -0.08 -7.37
N ASN A 89 16.68 0.14 -8.68
CA ASN A 89 17.72 -0.44 -9.52
C ASN A 89 18.41 0.62 -10.37
N ASP A 90 19.70 0.41 -10.58
CA ASP A 90 20.55 1.34 -11.31
C ASP A 90 20.43 1.20 -12.83
N SER A 91 19.81 0.13 -13.33
CA SER A 91 19.62 0.00 -14.77
C SER A 91 18.41 0.78 -15.27
N GLY A 92 17.64 1.35 -14.36
CA GLY A 92 16.44 2.06 -14.69
C GLY A 92 16.69 3.55 -14.62
N PRO A 93 15.66 4.34 -14.94
CA PRO A 93 15.81 5.79 -14.84
C PRO A 93 16.18 6.21 -13.43
N ARG A 94 16.82 7.37 -13.34
CA ARG A 94 17.57 7.77 -12.15
C ARG A 94 16.74 8.51 -11.10
N ARG A 95 15.64 9.15 -11.50
CA ARG A 95 14.80 9.90 -10.57
C ARG A 95 13.49 9.17 -10.30
N TYR A 96 13.15 9.01 -9.03
CA TYR A 96 11.93 8.31 -8.62
C TYR A 96 11.00 9.32 -7.98
N THR A 97 9.79 9.43 -8.50
CA THR A 97 8.73 10.18 -7.86
C THR A 97 7.65 9.19 -7.44
N ILE A 98 7.36 9.14 -6.14
CA ILE A 98 6.28 8.32 -5.62
C ILE A 98 5.11 9.27 -5.40
N ALA A 99 4.03 9.08 -6.14
CA ALA A 99 2.85 9.93 -6.02
C ALA A 99 1.71 9.13 -5.41
N ALA A 100 0.96 9.77 -4.53
CA ALA A 100 -0.19 9.13 -3.90
C ALA A 100 -1.35 10.09 -3.92
N LEU A 101 -2.53 9.59 -4.28
CA LEU A 101 -3.78 10.33 -4.30
C LEU A 101 -4.68 9.72 -3.23
N LEU A 102 -5.11 10.54 -2.28
CA LEU A 102 -5.72 10.05 -1.05
C LEU A 102 -7.21 10.36 -0.97
N SER A 103 -7.99 9.36 -0.59
CA SER A 103 -9.38 9.52 -0.15
C SER A 103 -9.53 8.81 1.19
N PRO A 104 -10.61 9.08 1.93
CA PRO A 104 -10.72 8.46 3.25
C PRO A 104 -10.70 6.94 3.25
N TYR A 105 -11.32 6.29 2.26
CA TYR A 105 -11.40 4.83 2.19
C TYR A 105 -10.62 4.26 1.01
N SER A 106 -9.76 5.06 0.39
CA SER A 106 -9.08 4.60 -0.82
C SER A 106 -7.81 5.39 -1.01
N TYR A 107 -6.81 4.76 -1.60
CA TYR A 107 -5.68 5.52 -2.13
C TYR A 107 -5.17 4.89 -3.40
N SER A 108 -4.58 5.71 -4.25
CA SER A 108 -3.93 5.25 -5.45
C SER A 108 -2.49 5.72 -5.40
N THR A 109 -1.58 4.88 -5.88
CA THR A 109 -0.20 5.32 -5.94
C THR A 109 0.40 4.93 -7.27
N THR A 110 1.32 5.76 -7.74
CA THR A 110 2.04 5.48 -8.97
CA THR A 110 2.02 5.52 -8.98
C THR A 110 3.48 5.92 -8.80
N ALA A 111 4.33 5.36 -9.64
CA ALA A 111 5.74 5.72 -9.67
C ALA A 111 6.00 6.37 -11.02
N VAL A 112 6.69 7.50 -10.99
CA VAL A 112 7.19 8.15 -12.20
C VAL A 112 8.70 8.08 -12.12
N VAL A 113 9.30 7.32 -13.01
CA VAL A 113 10.74 7.08 -12.99
C VAL A 113 11.29 7.63 -14.28
N THR A 114 12.16 8.64 -14.19
CA THR A 114 12.64 9.37 -15.36
C THR A 114 14.16 9.52 -15.32
N ASN A 115 14.72 9.82 -16.49
CA ASN A 115 16.17 9.92 -16.72
C ASN A 115 16.92 8.63 -16.43
N CYS B 1 -16.05 -14.62 4.36
CA CYS B 1 -17.31 -13.91 4.60
C CYS B 1 -17.10 -12.50 5.22
N PRO B 2 -16.44 -12.40 6.38
CA PRO B 2 -16.20 -11.05 6.93
C PRO B 2 -15.02 -10.33 6.29
N LEU B 3 -14.18 -11.03 5.55
CA LEU B 3 -13.03 -10.42 4.88
C LEU B 3 -12.86 -11.05 3.52
N MET B 4 -13.00 -10.24 2.47
CA MET B 4 -12.85 -10.70 1.10
C MET B 4 -11.89 -9.76 0.39
N VAL B 5 -11.15 -10.31 -0.57
CA VAL B 5 -10.19 -9.53 -1.34
C VAL B 5 -10.53 -9.71 -2.82
N LYS B 6 -10.57 -8.61 -3.56
CA LYS B 6 -10.88 -8.63 -4.98
C LYS B 6 -9.80 -7.88 -5.72
N VAL B 7 -9.25 -8.47 -6.78
CA VAL B 7 -8.12 -7.90 -7.50
C VAL B 7 -8.43 -7.86 -8.99
N LEU B 8 -8.19 -6.71 -9.63
CA LEU B 8 -8.43 -6.49 -11.04
C LEU B 8 -7.15 -6.06 -11.72
N ASP B 9 -7.05 -6.39 -13.00
CA ASP B 9 -5.89 -6.10 -13.84
C ASP B 9 -6.28 -4.99 -14.81
N ALA B 10 -5.65 -3.83 -14.67
CA ALA B 10 -5.97 -2.65 -15.47
C ALA B 10 -5.32 -2.67 -16.85
N VAL B 11 -4.41 -3.61 -17.10
CA VAL B 11 -3.80 -3.73 -18.42
C VAL B 11 -4.68 -4.55 -19.35
N ARG B 12 -5.19 -5.68 -18.84
CA ARG B 12 -6.00 -6.58 -19.64
C ARG B 12 -7.50 -6.34 -19.50
N GLY B 13 -7.92 -5.60 -18.49
CA GLY B 13 -9.34 -5.40 -18.22
C GLY B 13 -9.99 -6.70 -17.82
N SER B 14 -9.45 -7.33 -16.79
CA SER B 14 -9.85 -8.67 -16.40
CA SER B 14 -9.84 -8.69 -16.41
C SER B 14 -9.67 -8.81 -14.91
N PRO B 15 -10.28 -9.81 -14.29
CA PRO B 15 -9.86 -10.18 -12.94
C PRO B 15 -8.40 -10.56 -12.95
N ALA B 16 -7.73 -10.29 -11.84
CA ALA B 16 -6.36 -10.72 -11.64
C ALA B 16 -6.40 -12.08 -10.96
N ILE B 17 -6.07 -13.12 -11.71
CA ILE B 17 -6.27 -14.50 -11.27
C ILE B 17 -4.98 -15.04 -10.67
N ASN B 18 -5.11 -15.89 -9.65
CA ASN B 18 -3.96 -16.58 -9.04
C ASN B 18 -3.00 -15.62 -8.35
N VAL B 19 -3.52 -14.52 -7.82
CA VAL B 19 -2.70 -13.60 -7.04
C VAL B 19 -2.62 -14.09 -5.61
N ALA B 20 -1.40 -14.23 -5.11
CA ALA B 20 -1.22 -14.64 -3.72
C ALA B 20 -1.51 -13.48 -2.78
N VAL B 21 -2.20 -13.78 -1.67
CA VAL B 21 -2.58 -12.79 -0.67
C VAL B 21 -2.23 -13.34 0.71
N HIS B 22 -1.52 -12.56 1.51
CA HIS B 22 -1.17 -12.93 2.88
C HIS B 22 -1.74 -11.88 3.83
N VAL B 23 -2.46 -12.33 4.86
CA VAL B 23 -3.04 -11.44 5.86
C VAL B 23 -2.29 -11.63 7.16
N PHE B 24 -1.98 -10.52 7.83
CA PHE B 24 -1.30 -10.51 9.11
C PHE B 24 -2.11 -9.69 10.09
N ARG B 25 -1.94 -9.98 11.38
CA ARG B 25 -2.57 -9.24 12.46
C ARG B 25 -1.50 -8.80 13.46
N LYS B 26 -1.55 -7.54 13.87
CA LYS B 26 -0.54 -7.05 14.80
C LYS B 26 -0.77 -7.65 16.19
N ALA B 27 0.28 -8.24 16.76
CA ALA B 27 0.20 -8.86 18.06
C ALA B 27 0.47 -7.86 19.19
N ALA B 28 0.29 -8.31 20.43
CA ALA B 28 0.50 -7.45 21.59
C ALA B 28 1.93 -6.94 21.66
N ASP B 29 2.90 -7.70 21.16
CA ASP B 29 4.29 -7.27 21.12
C ASP B 29 4.63 -6.43 19.89
N ASP B 30 3.62 -5.96 19.14
CA ASP B 30 3.81 -5.15 17.93
C ASP B 30 4.54 -5.87 16.82
N THR B 31 4.34 -7.16 16.69
CA THR B 31 4.85 -7.91 15.54
C THR B 31 3.68 -8.32 14.68
N TRP B 32 3.94 -8.47 13.37
CA TRP B 32 2.91 -8.94 12.44
C TRP B 32 2.83 -10.46 12.50
N GLU B 33 1.74 -10.97 13.05
CA GLU B 33 1.58 -12.42 13.09
C GLU B 33 0.76 -12.90 11.90
N PRO B 34 1.15 -14.01 11.31
CA PRO B 34 0.36 -14.59 10.21
C PRO B 34 -1.07 -14.86 10.66
N PHE B 35 -2.02 -14.49 9.81
CA PHE B 35 -3.44 -14.60 10.14
C PHE B 35 -4.19 -15.47 9.15
N ALA B 36 -4.00 -15.26 7.85
CA ALA B 36 -4.66 -16.07 6.83
C ALA B 36 -3.95 -15.82 5.51
N SER B 37 -4.13 -16.74 4.56
CA SER B 37 -3.59 -16.51 3.23
C SER B 37 -4.39 -17.31 2.21
N GLY B 38 -4.22 -16.94 0.94
CA GLY B 38 -4.90 -17.66 -0.13
C GLY B 38 -4.51 -17.07 -1.47
N LYS B 39 -5.20 -17.50 -2.52
CA LYS B 39 -4.99 -16.99 -3.87
C LYS B 39 -6.31 -16.63 -4.52
N THR B 40 -6.28 -15.58 -5.35
CA THR B 40 -7.52 -15.19 -6.02
C THR B 40 -7.97 -16.25 -7.03
N SER B 41 -9.29 -16.37 -7.19
CA SER B 41 -9.92 -17.32 -8.10
C SER B 41 -9.96 -16.76 -9.54
N GLU B 42 -10.66 -17.46 -10.42
CA GLU B 42 -10.80 -17.00 -11.80
C GLU B 42 -11.56 -15.67 -11.86
N SER B 43 -12.32 -15.39 -10.82
CA SER B 43 -13.09 -14.16 -10.75
C SER B 43 -12.31 -13.02 -10.12
N GLY B 44 -11.05 -13.25 -9.78
CA GLY B 44 -10.25 -12.28 -9.10
C GLY B 44 -10.55 -12.14 -7.62
N GLU B 45 -11.31 -13.05 -7.05
CA GLU B 45 -11.78 -12.92 -5.69
C GLU B 45 -11.17 -13.99 -4.79
N LEU B 46 -11.01 -13.63 -3.53
CA LEU B 46 -10.50 -14.54 -2.51
C LEU B 46 -11.46 -14.50 -1.35
N HIS B 47 -12.16 -15.61 -1.14
CA HIS B 47 -13.14 -15.80 -0.09
C HIS B 47 -12.62 -16.80 0.91
N GLY B 48 -13.27 -16.85 2.08
CA GLY B 48 -12.98 -17.87 3.06
C GLY B 48 -11.68 -17.70 3.82
N LEU B 49 -11.14 -16.48 3.87
CA LEU B 49 -9.91 -16.25 4.60
C LEU B 49 -10.09 -16.48 6.10
N THR B 50 -11.23 -16.06 6.65
CA THR B 50 -11.42 -16.10 8.10
C THR B 50 -12.91 -16.29 8.41
N THR B 51 -13.22 -16.31 9.70
CA THR B 51 -14.58 -16.42 10.19
C THR B 51 -14.91 -15.26 11.12
N GLU B 52 -16.20 -15.08 11.39
CA GLU B 52 -16.61 -14.05 12.34
C GLU B 52 -15.95 -14.26 13.70
N GLU B 53 -15.85 -15.51 14.15
CA GLU B 53 -15.24 -15.81 15.44
C GLU B 53 -13.76 -15.45 15.47
N GLU B 54 -13.03 -15.77 14.41
CA GLU B 54 -11.58 -15.60 14.41
C GLU B 54 -11.17 -14.17 14.10
N PHE B 55 -12.03 -13.41 13.39
CA PHE B 55 -11.71 -12.06 12.92
C PHE B 55 -12.07 -11.04 13.98
N VAL B 56 -11.27 -11.04 15.05
CA VAL B 56 -11.47 -10.17 16.21
C VAL B 56 -10.96 -8.76 15.90
N GLU B 57 -11.21 -7.83 16.82
CA GLU B 57 -10.63 -6.49 16.73
CA GLU B 57 -10.64 -6.50 16.68
C GLU B 57 -9.14 -6.60 16.54
N GLY B 58 -8.58 -5.69 15.76
CA GLY B 58 -7.13 -5.61 15.66
C GLY B 58 -6.71 -4.75 14.48
N ILE B 59 -5.40 -4.64 14.33
CA ILE B 59 -4.82 -3.99 13.16
C ILE B 59 -4.38 -5.09 12.22
N TYR B 60 -4.84 -5.04 10.99
CA TYR B 60 -4.59 -6.08 10.01
C TYR B 60 -3.83 -5.52 8.82
N LYS B 61 -3.02 -6.39 8.21
CA LYS B 61 -2.29 -6.05 7.01
CA LYS B 61 -2.23 -6.08 7.03
C LYS B 61 -2.61 -7.09 5.96
N VAL B 62 -3.14 -6.62 4.84
CA VAL B 62 -3.41 -7.47 3.68
C VAL B 62 -2.33 -7.19 2.66
N GLU B 63 -1.48 -8.18 2.41
CA GLU B 63 -0.36 -8.09 1.49
C GLU B 63 -0.74 -8.81 0.19
N ILE B 64 -0.82 -8.08 -0.90
CA ILE B 64 -1.20 -8.63 -2.20
C ILE B 64 0.07 -8.74 -3.03
N ASP B 65 0.40 -9.97 -3.46
CA ASP B 65 1.70 -10.24 -4.09
C ASP B 65 1.68 -9.86 -5.57
N THR B 66 1.70 -8.55 -5.81
CA THR B 66 1.57 -8.03 -7.16
C THR B 66 2.81 -8.30 -8.01
N LYS B 67 4.01 -8.30 -7.42
CA LYS B 67 5.22 -8.48 -8.23
C LYS B 67 5.22 -9.85 -8.89
N SER B 68 4.89 -10.89 -8.13
CA SER B 68 4.86 -12.23 -8.69
C SER B 68 3.79 -12.34 -9.77
N TYR B 69 2.67 -11.65 -9.58
CA TYR B 69 1.62 -11.63 -10.60
C TYR B 69 2.14 -11.08 -11.92
N TRP B 70 2.76 -9.90 -11.88
CA TRP B 70 3.24 -9.27 -13.12
C TRP B 70 4.38 -10.05 -13.76
N LYS B 71 5.31 -10.54 -12.94
CA LYS B 71 6.45 -11.26 -13.51
C LYS B 71 6.00 -12.49 -14.29
N ALA B 72 4.97 -13.18 -13.80
CA ALA B 72 4.48 -14.36 -14.50
C ALA B 72 3.86 -14.00 -15.85
N LEU B 73 3.48 -12.75 -16.04
CA LEU B 73 2.93 -12.23 -17.28
C LEU B 73 3.98 -11.52 -18.15
N GLY B 74 5.26 -11.58 -17.77
CA GLY B 74 6.36 -10.99 -18.53
C GLY B 74 6.60 -9.52 -18.31
N ILE B 75 6.10 -8.97 -17.21
CA ILE B 75 6.22 -7.55 -16.92
C ILE B 75 7.06 -7.41 -15.66
N SER B 76 8.05 -6.55 -15.72
CA SER B 76 8.86 -6.23 -14.54
CA SER B 76 8.86 -6.23 -14.54
C SER B 76 8.24 -5.01 -13.88
N PRO B 77 7.46 -5.19 -12.82
CA PRO B 77 6.69 -4.09 -12.24
C PRO B 77 7.53 -3.32 -11.23
N PHE B 78 6.93 -2.22 -10.75
CA PHE B 78 7.63 -1.33 -9.84
C PHE B 78 7.56 -1.84 -8.39
N HIS B 79 6.37 -2.22 -7.93
CA HIS B 79 6.16 -2.51 -6.51
C HIS B 79 6.50 -3.95 -6.17
N GLU B 80 6.96 -4.16 -4.95
CA GLU B 80 7.12 -5.52 -4.45
C GLU B 80 5.79 -6.17 -4.18
N HIS B 81 4.86 -5.43 -3.63
CA HIS B 81 3.51 -5.91 -3.33
C HIS B 81 2.67 -4.68 -3.07
N ALA B 82 1.38 -4.88 -2.85
CA ALA B 82 0.52 -3.83 -2.36
C ALA B 82 0.10 -4.22 -0.96
N GLU B 83 0.28 -3.31 0.00
CA GLU B 83 -0.05 -3.57 1.40
C GLU B 83 -1.20 -2.67 1.81
N VAL B 84 -2.22 -3.26 2.43
CA VAL B 84 -3.38 -2.54 2.90
C VAL B 84 -3.47 -2.77 4.40
N VAL B 85 -3.29 -1.70 5.19
CA VAL B 85 -3.21 -1.79 6.65
C VAL B 85 -4.35 -0.99 7.25
N PHE B 86 -5.09 -1.63 8.16
CA PHE B 86 -6.31 -1.01 8.68
C PHE B 86 -6.68 -1.62 10.03
N THR B 87 -7.40 -0.84 10.82
CA THR B 87 -8.02 -1.36 12.04
C THR B 87 -9.36 -1.96 11.66
N ALA B 88 -9.62 -3.17 12.14
CA ALA B 88 -10.86 -3.87 11.87
C ALA B 88 -11.65 -4.14 13.15
N ASN B 89 -12.98 -4.00 13.04
CA ASN B 89 -13.94 -4.48 14.03
C ASN B 89 -13.88 -3.71 15.34
N ASP B 90 -13.38 -2.47 15.33
CA ASP B 90 -13.27 -1.76 16.59
C ASP B 90 -14.59 -1.13 17.03
N SER B 91 -15.53 -0.95 16.11
CA SER B 91 -16.90 -0.53 16.40
C SER B 91 -17.86 -1.70 16.55
N GLY B 92 -17.36 -2.93 16.42
CA GLY B 92 -18.18 -4.12 16.38
C GLY B 92 -17.86 -4.81 15.06
N PRO B 93 -18.41 -6.02 14.86
CA PRO B 93 -18.12 -6.73 13.61
C PRO B 93 -18.65 -6.01 12.37
N ARG B 94 -17.88 -6.12 11.29
CA ARG B 94 -18.21 -5.55 10.00
C ARG B 94 -17.72 -6.51 8.94
N ARG B 95 -18.23 -6.33 7.73
CA ARG B 95 -17.78 -7.10 6.57
C ARG B 95 -16.90 -6.19 5.74
N TYR B 96 -15.70 -6.66 5.40
CA TYR B 96 -14.71 -5.87 4.70
C TYR B 96 -14.41 -6.49 3.33
N THR B 97 -14.52 -5.68 2.28
CA THR B 97 -13.99 -6.05 0.98
C THR B 97 -12.83 -5.11 0.67
N ILE B 98 -11.66 -5.70 0.48
CA ILE B 98 -10.46 -4.97 0.07
C ILE B 98 -10.32 -5.20 -1.43
N ALA B 99 -10.46 -4.13 -2.21
CA ALA B 99 -10.34 -4.24 -3.66
C ALA B 99 -9.05 -3.56 -4.10
N ALA B 100 -8.38 -4.14 -5.09
CA ALA B 100 -7.16 -3.57 -5.63
C ALA B 100 -7.21 -3.64 -7.14
N LEU B 101 -6.81 -2.53 -7.79
CA LEU B 101 -6.73 -2.42 -9.24
C LEU B 101 -5.26 -2.24 -9.60
N LEU B 102 -4.71 -3.14 -10.41
CA LEU B 102 -3.26 -3.23 -10.60
C LEU B 102 -2.81 -2.79 -11.99
N SER B 103 -1.75 -2.00 -12.03
CA SER B 103 -0.98 -1.70 -13.22
C SER B 103 0.50 -1.94 -12.92
N PRO B 104 1.34 -2.05 -13.94
CA PRO B 104 2.77 -2.36 -13.64
C PRO B 104 3.46 -1.35 -12.74
N TYR B 105 3.14 -0.06 -12.86
CA TYR B 105 3.80 0.96 -12.05
C TYR B 105 2.83 1.67 -11.10
N SER B 106 1.63 1.11 -10.89
CA SER B 106 0.63 1.80 -10.10
C SER B 106 -0.36 0.80 -9.54
N TYR B 107 -0.92 1.12 -8.38
CA TYR B 107 -2.09 0.39 -7.93
C TYR B 107 -3.00 1.32 -7.16
N SER B 108 -4.28 0.98 -7.16
CA SER B 108 -5.28 1.68 -6.39
C SER B 108 -5.96 0.66 -5.50
N THR B 109 -6.31 1.07 -4.29
CA THR B 109 -7.04 0.18 -3.42
C THR B 109 -8.15 0.95 -2.73
N THR B 110 -9.26 0.25 -2.52
CA THR B 110 -10.39 0.82 -1.80
CA THR B 110 -10.39 0.81 -1.82
C THR B 110 -10.95 -0.25 -0.88
N ALA B 111 -11.67 0.21 0.13
CA ALA B 111 -12.35 -0.68 1.05
C ALA B 111 -13.84 -0.43 0.97
N VAL B 112 -14.62 -1.51 0.93
CA VAL B 112 -16.06 -1.44 1.08
C VAL B 112 -16.39 -2.12 2.39
N VAL B 113 -16.95 -1.36 3.32
CA VAL B 113 -17.23 -1.82 4.68
C VAL B 113 -18.73 -1.75 4.92
N THR B 114 -19.33 -2.89 5.30
CA THR B 114 -20.77 -2.96 5.47
C THR B 114 -21.10 -3.60 6.82
N ASN B 115 -22.36 -3.41 7.24
CA ASN B 115 -22.87 -3.82 8.56
C ASN B 115 -22.16 -3.11 9.70
CAA BM8 C . 2.87 15.24 -10.15
CAB BM8 C . 2.77 16.62 -10.36
CAC BM8 C . 1.50 17.21 -10.48
CAD BM8 C . 0.36 16.44 -10.41
CAE BM8 C . 0.47 15.05 -10.20
CAF BM8 C . 1.72 14.46 -10.08
CAH BM8 C . -0.34 12.90 -9.92
CAJ BM8 C . -1.32 11.75 -9.77
CAK BM8 C . -2.54 11.79 -10.44
CAL BM8 C . -3.44 10.74 -10.32
CAM BM8 C . -3.11 9.65 -9.52
CAN BM8 C . -1.90 9.62 -8.85
CAO BM8 C . -1.01 10.67 -8.98
CAP BM8 C . -4.78 10.78 -11.06
NAG BM8 C . -0.63 14.18 -10.11
NAQ BM8 C . -4.05 8.56 -9.39
SAI BM8 C . 1.35 12.80 -9.85
CAA BM8 D . -15.90 -4.84 -6.64
CAB BM8 D . -16.73 -5.63 -7.45
CAC BM8 D . -16.76 -5.41 -8.84
CAD BM8 D . -15.98 -4.41 -9.40
CAE BM8 D . -15.15 -3.62 -8.58
CAF BM8 D . -15.11 -3.84 -7.21
CAH BM8 D . -13.60 -1.96 -8.15
CAJ BM8 D . -12.63 -0.82 -8.38
CAK BM8 D . -12.84 0.09 -9.40
CAL BM8 D . -11.95 1.13 -9.61
CAM BM8 D . -10.85 1.27 -8.78
CAN BM8 D . -10.63 0.37 -7.76
CAO BM8 D . -11.52 -0.67 -7.55
CAP BM8 D . -12.19 2.12 -10.75
NAG BM8 D . -14.32 -2.60 -9.06
NAQ BM8 D . -9.92 2.37 -9.00
SAI BM8 D . -13.98 -2.68 -6.65
#